data_7S24
#
_entry.id   7S24
#
_cell.length_a   46.553
_cell.length_b   47.335
_cell.length_c   56.392
_cell.angle_alpha   78.002
_cell.angle_beta   67.119
_cell.angle_gamma   79.240
#
_symmetry.space_group_name_H-M   'P 1'
#
loop_
_entity.id
_entity.type
_entity.pdbx_description
1 polymer 'Na(+)/H(+) antiporter NhaA'
2 non-polymer 'PENTAETHYLENE GLYCOL'
3 non-polymer '(2R)-2,3-dihydroxypropyl (9Z)-octadec-9-enoate'
4 water water
#
_entity_poly.entity_id   1
_entity_poly.type   'polypeptide(L)'
_entity_poly.pdbx_seq_one_letter_code
;MKHLHRFFSSDASGGIILIIAAILAMIMANSGATSGWYHDFLETPVQLRVGSLEINKNMLLWINDALMAVFFLLVGLEVK
RELMQGSLASLRQAAFPVIAAIGGMIVPTLLYLAFNYADPITREGWAIPAATDIAFALGVLALLGSRVPLALKIFLMALA
IIDDLGAIIIIALFYTNDLSMASLGVAAVAIAVLAVLNLCGARRTGVYILVGVVLWTAVLKSGVHATLAGVIVGFFIPLK
EKHGRSPAKRLEHVLHPWVAYLILPLFAFANAGVSLGGVTLDGLTSILPLGIIAGMLIGKPLGISLFCWLALRLKLAHLP
EGTTYQQIMVVGILCGIGFTMSIFIASLAFGSVDPELINWAKLGILVGSISSAVIGYSWLRVRLRPSVGSENLYFQ
;
_entity_poly.pdbx_strand_id   A
#
# COMPACT_ATOMS: atom_id res chain seq x y z
N SER A 10 16.18 5.19 9.20
CA SER A 10 14.78 5.49 9.46
C SER A 10 13.89 4.28 9.20
N ASP A 11 14.42 3.29 8.48
CA ASP A 11 13.62 2.11 8.16
C ASP A 11 13.30 1.31 9.41
N ALA A 12 14.33 0.97 10.19
CA ALA A 12 14.13 0.14 11.37
C ALA A 12 13.21 0.80 12.39
N SER A 13 13.45 2.08 12.69
CA SER A 13 12.62 2.76 13.67
C SER A 13 11.21 2.97 13.13
N GLY A 14 11.06 3.21 11.83
CA GLY A 14 9.73 3.33 11.25
C GLY A 14 8.93 2.05 11.40
N GLY A 15 9.55 0.91 11.10
CA GLY A 15 8.87 -0.36 11.31
C GLY A 15 8.51 -0.60 12.76
N ILE A 16 9.42 -0.26 13.67
CA ILE A 16 9.16 -0.53 15.09
C ILE A 16 8.01 0.34 15.59
N ILE A 17 7.98 1.62 15.20
CA ILE A 17 6.90 2.49 15.63
C ILE A 17 5.58 2.05 15.03
N LEU A 18 5.60 1.54 13.80
CA LEU A 18 4.39 0.96 13.21
C LEU A 18 3.88 -0.22 14.04
N ILE A 19 4.79 -1.12 14.43
CA ILE A 19 4.34 -2.30 15.18
C ILE A 19 3.83 -1.89 16.56
N ILE A 20 4.46 -0.89 17.17
CA ILE A 20 3.97 -0.41 18.46
C ILE A 20 2.54 0.12 18.32
N ALA A 21 2.30 0.92 17.29
CA ALA A 21 0.96 1.48 17.08
C ALA A 21 -0.06 0.37 16.87
N ALA A 22 0.32 -0.67 16.13
CA ALA A 22 -0.60 -1.79 15.92
C ALA A 22 -0.90 -2.52 17.24
N ILE A 23 0.13 -2.70 18.08
CA ILE A 23 -0.09 -3.36 19.37
C ILE A 23 -1.02 -2.51 20.24
N LEU A 24 -0.81 -1.20 20.23
CA LEU A 24 -1.70 -0.32 20.98
C LEU A 24 -3.12 -0.38 20.44
N ALA A 25 -3.28 -0.53 19.12
CA ALA A 25 -4.62 -0.70 18.56
C ALA A 25 -5.26 -1.99 19.08
N MET A 26 -4.50 -3.09 19.05
CA MET A 26 -5.02 -4.36 19.55
C MET A 26 -5.43 -4.25 21.01
N ILE A 27 -4.67 -3.49 21.80
CA ILE A 27 -5.04 -3.30 23.21
C ILE A 27 -6.31 -2.47 23.31
N MET A 28 -6.41 -1.40 22.52
CA MET A 28 -7.61 -0.57 22.55
C MET A 28 -8.85 -1.39 22.21
N ALA A 29 -8.76 -2.25 21.21
CA ALA A 29 -9.92 -2.99 20.72
C ALA A 29 -10.28 -4.18 21.59
N ASN A 30 -9.48 -4.49 22.61
CA ASN A 30 -9.73 -5.69 23.41
C ASN A 30 -9.87 -5.44 24.90
N SER A 31 -9.51 -4.26 25.42
CA SER A 31 -9.63 -3.98 26.83
C SER A 31 -10.99 -3.36 27.12
N GLY A 32 -11.59 -3.75 28.25
CA GLY A 32 -12.90 -3.23 28.59
C GLY A 32 -12.92 -1.73 28.81
N ALA A 33 -11.81 -1.17 29.28
CA ALA A 33 -11.76 0.27 29.54
C ALA A 33 -11.84 1.09 28.27
N THR A 34 -11.38 0.54 27.14
CA THR A 34 -11.26 1.33 25.92
C THR A 34 -12.05 0.80 24.72
N SER A 35 -12.36 -0.49 24.68
CA SER A 35 -12.93 -1.08 23.47
C SER A 35 -14.18 -0.32 23.01
N GLY A 36 -15.07 -0.02 23.94
CA GLY A 36 -16.32 0.64 23.62
C GLY A 36 -16.13 1.94 22.87
N TRP A 37 -15.34 2.85 23.46
CA TRP A 37 -15.09 4.13 22.82
C TRP A 37 -14.37 3.95 21.49
N TYR A 38 -13.34 3.10 21.47
CA TYR A 38 -12.59 2.87 20.23
C TYR A 38 -13.55 2.59 19.07
N HIS A 39 -14.38 1.56 19.24
CA HIS A 39 -15.26 1.17 18.14
C HIS A 39 -16.33 2.23 17.88
N ASP A 40 -16.94 2.80 18.92
CA ASP A 40 -18.01 3.76 18.69
C ASP A 40 -17.49 5.01 17.98
N PHE A 41 -16.31 5.49 18.39
CA PHE A 41 -15.73 6.66 17.75
C PHE A 41 -15.44 6.39 16.28
N LEU A 42 -14.82 5.23 15.99
CA LEU A 42 -14.48 4.98 14.59
C LEU A 42 -15.72 4.82 13.71
N GLU A 43 -16.84 4.36 14.28
CA GLU A 43 -18.06 4.12 13.51
C GLU A 43 -18.91 5.38 13.32
N THR A 44 -18.49 6.52 13.85
CA THR A 44 -19.37 7.68 13.91
C THR A 44 -19.57 8.28 12.52
N PRO A 45 -20.82 8.53 12.10
CA PRO A 45 -21.04 9.22 10.83
C PRO A 45 -20.71 10.70 10.92
N VAL A 46 -20.16 11.24 9.83
CA VAL A 46 -19.64 12.60 9.81
C VAL A 46 -19.97 13.26 8.48
N GLN A 47 -20.23 14.57 8.55
CA GLN A 47 -20.52 15.42 7.40
C GLN A 47 -19.91 16.78 7.67
N LEU A 48 -19.02 17.23 6.78
CA LEU A 48 -18.29 18.48 6.98
C LEU A 48 -18.98 19.62 6.24
N ARG A 49 -19.06 20.77 6.90
CA ARG A 49 -19.77 21.93 6.37
C ARG A 49 -18.79 22.82 5.62
N VAL A 50 -19.04 23.02 4.33
CA VAL A 50 -18.23 23.93 3.51
C VAL A 50 -19.04 24.33 2.28
N GLY A 51 -19.89 25.34 2.43
CA GLY A 51 -20.69 25.81 1.31
C GLY A 51 -21.76 24.82 0.91
N SER A 52 -22.08 24.81 -0.38
CA SER A 52 -23.07 23.89 -0.94
C SER A 52 -22.46 22.55 -1.32
N LEU A 53 -21.48 22.08 -0.54
CA LEU A 53 -20.75 20.85 -0.82
C LEU A 53 -20.68 20.03 0.47
N GLU A 54 -21.51 18.99 0.56
CA GLU A 54 -21.58 18.13 1.73
C GLU A 54 -21.34 16.69 1.31
N ILE A 55 -20.79 15.90 2.24
CA ILE A 55 -20.40 14.53 1.97
C ILE A 55 -20.42 13.76 3.28
N ASN A 56 -20.99 12.56 3.26
CA ASN A 56 -21.24 11.76 4.46
C ASN A 56 -20.35 10.54 4.44
N LYS A 57 -19.55 10.37 5.50
CA LYS A 57 -18.71 9.19 5.65
C LYS A 57 -18.48 8.94 7.14
N ASN A 58 -18.21 7.69 7.50
CA ASN A 58 -17.95 7.39 8.90
C ASN A 58 -16.52 7.82 9.27
N MET A 59 -16.29 7.99 10.57
CA MET A 59 -15.04 8.59 11.04
C MET A 59 -13.82 7.86 10.51
N LEU A 60 -13.85 6.52 10.54
CA LEU A 60 -12.70 5.74 10.10
C LEU A 60 -12.38 6.02 8.63
N LEU A 61 -13.42 6.09 7.79
CA LEU A 61 -13.19 6.37 6.38
C LEU A 61 -12.55 7.74 6.18
N TRP A 62 -13.04 8.75 6.90
CA TRP A 62 -12.43 10.07 6.81
C TRP A 62 -10.94 10.02 7.16
N ILE A 63 -10.65 9.39 8.31
CA ILE A 63 -9.26 9.27 8.74
C ILE A 63 -8.42 8.60 7.67
N ASN A 64 -8.92 7.48 7.13
CA ASN A 64 -8.14 6.73 6.15
C ASN A 64 -7.94 7.51 4.86
N ASP A 65 -8.98 8.22 4.40
CA ASP A 65 -8.84 9.03 3.20
C ASP A 65 -7.72 10.05 3.37
N ALA A 66 -7.71 10.76 4.49
CA ALA A 66 -6.67 11.77 4.69
C ALA A 66 -5.28 11.14 4.78
N LEU A 67 -5.13 10.15 5.67
CA LEU A 67 -3.82 9.54 5.89
C LEU A 67 -3.29 8.91 4.61
N MET A 68 -4.13 8.19 3.88
CA MET A 68 -3.68 7.53 2.66
C MET A 68 -3.48 8.50 1.50
N ALA A 69 -4.17 9.65 1.49
CA ALA A 69 -3.84 10.67 0.50
C ALA A 69 -2.39 11.13 0.70
N VAL A 70 -2.01 11.38 1.94
CA VAL A 70 -0.63 11.84 2.19
C VAL A 70 0.39 10.73 1.86
N PHE A 71 0.11 9.51 2.32
CA PHE A 71 1.02 8.39 2.04
C PHE A 71 1.19 8.20 0.54
N PHE A 72 0.10 8.20 -0.22
CA PHE A 72 0.22 7.93 -1.65
C PHE A 72 0.71 9.15 -2.42
N LEU A 73 0.64 10.35 -1.84
CA LEU A 73 1.43 11.46 -2.36
C LEU A 73 2.92 11.10 -2.34
N LEU A 74 3.37 10.56 -1.21
CA LEU A 74 4.77 10.11 -1.14
C LEU A 74 5.04 8.99 -2.14
N VAL A 75 4.11 8.05 -2.28
CA VAL A 75 4.29 6.97 -3.24
C VAL A 75 4.40 7.52 -4.66
N GLY A 76 3.62 8.55 -4.97
CA GLY A 76 3.71 9.16 -6.29
C GLY A 76 5.07 9.75 -6.56
N LEU A 77 5.56 10.55 -5.61
CA LEU A 77 6.92 11.08 -5.76
C LEU A 77 7.91 9.96 -6.01
N GLU A 78 7.81 8.87 -5.22
CA GLU A 78 8.81 7.80 -5.34
C GLU A 78 8.72 7.09 -6.68
N VAL A 79 7.52 6.76 -7.14
CA VAL A 79 7.41 6.02 -8.40
C VAL A 79 7.87 6.88 -9.56
N LYS A 80 7.58 8.19 -9.51
CA LYS A 80 8.08 9.07 -10.55
C LYS A 80 9.60 9.14 -10.53
N ARG A 81 10.21 9.21 -9.35
CA ARG A 81 11.66 9.20 -9.25
C ARG A 81 12.24 7.89 -9.79
N GLU A 82 11.54 6.78 -9.56
CA GLU A 82 12.03 5.49 -10.03
C GLU A 82 11.93 5.39 -11.56
N LEU A 83 10.88 5.98 -12.14
CA LEU A 83 10.71 5.94 -13.58
C LEU A 83 11.62 6.93 -14.31
N MET A 84 12.09 7.98 -13.64
CA MET A 84 12.95 8.95 -14.30
C MET A 84 14.43 8.77 -13.98
N GLN A 85 14.75 8.26 -12.77
CA GLN A 85 16.14 8.19 -12.36
C GLN A 85 16.53 6.82 -11.82
N GLY A 86 15.59 6.15 -11.16
CA GLY A 86 15.87 4.91 -10.44
C GLY A 86 15.85 3.67 -11.32
N SER A 87 15.46 2.55 -10.70
CA SER A 87 15.54 1.25 -11.33
C SER A 87 14.41 0.99 -12.32
N LEU A 88 13.53 1.97 -12.57
CA LEU A 88 12.49 1.84 -13.58
C LEU A 88 12.70 2.81 -14.74
N ALA A 89 13.89 3.40 -14.86
CA ALA A 89 14.16 4.42 -15.86
C ALA A 89 14.51 3.84 -17.23
N SER A 90 14.57 2.52 -17.37
CA SER A 90 14.87 1.93 -18.65
C SER A 90 14.35 0.50 -18.67
N LEU A 91 14.16 -0.02 -19.89
CA LEU A 91 13.72 -1.40 -20.06
C LEU A 91 14.68 -2.35 -19.35
N ARG A 92 15.98 -2.14 -19.54
CA ARG A 92 17.00 -3.04 -19.01
C ARG A 92 16.85 -3.22 -17.50
N GLN A 93 16.61 -2.12 -16.78
CA GLN A 93 16.53 -2.17 -15.33
C GLN A 93 15.13 -2.47 -14.83
N ALA A 94 14.10 -2.08 -15.58
CA ALA A 94 12.74 -2.31 -15.12
C ALA A 94 12.27 -3.74 -15.32
N ALA A 95 12.87 -4.47 -16.26
CA ALA A 95 12.36 -5.80 -16.58
C ALA A 95 12.21 -6.68 -15.33
N PHE A 96 13.28 -6.78 -14.52
CA PHE A 96 13.24 -7.71 -13.39
C PHE A 96 12.20 -7.31 -12.35
N PRO A 97 12.20 -6.08 -11.82
CA PRO A 97 11.17 -5.73 -10.83
C PRO A 97 9.76 -5.77 -11.39
N VAL A 98 9.57 -5.46 -12.67
CA VAL A 98 8.22 -5.48 -13.24
C VAL A 98 7.71 -6.91 -13.37
N ILE A 99 8.56 -7.82 -13.87
CA ILE A 99 8.14 -9.22 -13.99
C ILE A 99 7.88 -9.81 -12.61
N ALA A 100 8.75 -9.50 -11.65
CA ALA A 100 8.54 -9.94 -10.28
C ALA A 100 7.21 -9.44 -9.73
N ALA A 101 6.87 -8.17 -9.97
CA ALA A 101 5.61 -7.62 -9.47
C ALA A 101 4.42 -8.27 -10.15
N ILE A 102 4.53 -8.57 -11.46
CA ILE A 102 3.44 -9.28 -12.11
C ILE A 102 3.20 -10.63 -11.41
N GLY A 103 4.27 -11.34 -11.10
CA GLY A 103 4.12 -12.60 -10.37
C GLY A 103 3.51 -12.41 -8.99
N GLY A 104 4.01 -11.44 -8.24
CA GLY A 104 3.49 -11.10 -6.93
C GLY A 104 2.08 -10.60 -6.94
N MET A 105 1.54 -10.28 -8.12
CA MET A 105 0.13 -9.94 -8.31
C MET A 105 -0.69 -11.15 -8.70
N ILE A 106 -0.20 -11.95 -9.65
CA ILE A 106 -0.99 -13.02 -10.22
C ILE A 106 -1.15 -14.17 -9.23
N VAL A 107 -0.05 -14.60 -8.62
CA VAL A 107 -0.15 -15.85 -7.85
C VAL A 107 -0.95 -15.60 -6.57
N PRO A 108 -0.71 -14.51 -5.83
CA PRO A 108 -1.54 -14.26 -4.64
C PRO A 108 -3.02 -14.15 -4.95
N THR A 109 -3.36 -13.45 -6.04
CA THR A 109 -4.76 -13.36 -6.46
C THR A 109 -5.34 -14.74 -6.74
N LEU A 110 -4.58 -15.58 -7.45
CA LEU A 110 -5.09 -16.90 -7.83
C LEU A 110 -5.31 -17.77 -6.61
N LEU A 111 -4.42 -17.68 -5.62
CA LEU A 111 -4.61 -18.48 -4.40
C LEU A 111 -5.76 -17.95 -3.56
N TYR A 112 -5.93 -16.63 -3.49
CA TYR A 112 -7.08 -16.07 -2.79
C TYR A 112 -8.39 -16.52 -3.45
N LEU A 113 -8.46 -16.40 -4.78
CA LEU A 113 -9.68 -16.75 -5.48
C LEU A 113 -9.91 -18.26 -5.50
N ALA A 114 -8.87 -19.07 -5.33
CA ALA A 114 -9.07 -20.51 -5.21
C ALA A 114 -10.05 -20.80 -4.07
N PHE A 115 -9.98 -20.01 -3.00
CA PHE A 115 -10.89 -20.18 -1.88
C PHE A 115 -12.17 -19.36 -2.01
N ASN A 116 -12.09 -18.17 -2.62
CA ASN A 116 -13.19 -17.22 -2.55
C ASN A 116 -13.92 -16.95 -3.86
N TYR A 117 -13.59 -17.62 -4.95
CA TYR A 117 -14.18 -17.23 -6.24
C TYR A 117 -15.69 -17.45 -6.28
N ALA A 118 -16.20 -18.43 -5.55
CA ALA A 118 -17.62 -18.76 -5.60
C ALA A 118 -18.46 -17.90 -4.65
N ASP A 119 -17.82 -17.04 -3.87
CA ASP A 119 -18.50 -16.20 -2.88
C ASP A 119 -18.61 -14.79 -3.43
N PRO A 120 -19.79 -14.33 -3.87
CA PRO A 120 -19.86 -13.00 -4.50
C PRO A 120 -19.43 -11.86 -3.60
N ILE A 121 -19.42 -12.04 -2.28
CA ILE A 121 -19.00 -10.98 -1.38
C ILE A 121 -17.49 -10.98 -1.17
N THR A 122 -16.93 -12.13 -0.76
CA THR A 122 -15.51 -12.17 -0.41
C THR A 122 -14.60 -12.14 -1.63
N ARG A 123 -15.08 -12.51 -2.81
CA ARG A 123 -14.26 -12.41 -4.00
C ARG A 123 -13.84 -10.97 -4.29
N GLU A 124 -14.57 -10.00 -3.76
CA GLU A 124 -14.20 -8.60 -3.95
C GLU A 124 -12.90 -8.25 -3.25
N GLY A 125 -12.42 -9.10 -2.35
CA GLY A 125 -11.16 -8.85 -1.67
C GLY A 125 -9.97 -9.48 -2.34
N TRP A 126 -10.09 -9.76 -3.63
CA TRP A 126 -9.05 -10.49 -4.36
C TRP A 126 -7.67 -9.85 -4.19
N ALA A 127 -7.61 -8.53 -4.11
CA ALA A 127 -6.33 -7.84 -4.09
C ALA A 127 -5.68 -7.78 -2.71
N ILE A 128 -6.37 -8.26 -1.66
CA ILE A 128 -5.83 -8.12 -0.30
C ILE A 128 -4.43 -8.70 -0.18
N PRO A 129 -4.16 -9.94 -0.59
CA PRO A 129 -2.80 -10.49 -0.45
C PRO A 129 -1.83 -10.08 -1.56
N ALA A 130 -2.29 -9.25 -2.50
CA ALA A 130 -1.38 -8.69 -3.50
C ALA A 130 -0.61 -7.50 -2.95
N ALA A 131 -1.04 -6.92 -1.83
CA ALA A 131 -0.44 -5.73 -1.29
C ALA A 131 0.83 -6.06 -0.49
N THR A 132 1.67 -5.05 -0.30
CA THR A 132 2.87 -5.16 0.51
C THR A 132 3.01 -3.91 1.37
N ASP A 133 3.25 -4.10 2.66
CA ASP A 133 3.49 -2.98 3.57
C ASP A 133 4.95 -2.58 3.42
N ILE A 134 5.21 -1.50 2.69
CA ILE A 134 6.59 -1.14 2.37
C ILE A 134 7.38 -0.84 3.64
N ALA A 135 6.77 -0.08 4.56
CA ALA A 135 7.48 0.31 5.77
C ALA A 135 7.86 -0.91 6.61
N PHE A 136 6.91 -1.82 6.83
CA PHE A 136 7.17 -3.03 7.62
C PHE A 136 8.25 -3.89 6.96
N ALA A 137 8.14 -4.12 5.65
CA ALA A 137 9.08 -5.00 4.98
C ALA A 137 10.49 -4.40 4.95
N LEU A 138 10.59 -3.11 4.62
CA LEU A 138 11.90 -2.47 4.68
C LEU A 138 12.43 -2.42 6.12
N GLY A 139 11.54 -2.34 7.10
CA GLY A 139 12.00 -2.36 8.48
C GLY A 139 12.60 -3.70 8.86
N VAL A 140 12.02 -4.78 8.36
CA VAL A 140 12.61 -6.09 8.60
C VAL A 140 13.95 -6.21 7.87
N LEU A 141 14.03 -5.69 6.64
CA LEU A 141 15.32 -5.67 5.95
C LEU A 141 16.38 -4.93 6.78
N ALA A 142 16.01 -3.77 7.32
CA ALA A 142 16.96 -2.95 8.06
C ALA A 142 17.58 -3.69 9.24
N LEU A 143 16.93 -4.73 9.75
CA LEU A 143 17.45 -5.42 10.92
C LEU A 143 18.81 -6.06 10.66
N LEU A 144 19.18 -6.27 9.39
CA LEU A 144 20.48 -6.85 9.06
C LEU A 144 21.53 -5.81 8.72
N GLY A 145 21.18 -4.52 8.76
CA GLY A 145 22.18 -3.47 8.66
C GLY A 145 22.96 -3.51 7.36
N SER A 146 24.27 -3.33 7.48
CA SER A 146 25.15 -3.19 6.32
C SER A 146 25.30 -4.48 5.53
N ARG A 147 24.79 -5.61 6.04
CA ARG A 147 24.85 -6.85 5.28
C ARG A 147 23.87 -6.88 4.11
N VAL A 148 22.90 -5.96 4.07
CA VAL A 148 21.90 -5.93 3.01
C VAL A 148 22.47 -5.10 1.88
N PRO A 149 22.56 -5.64 0.65
CA PRO A 149 22.94 -4.79 -0.50
C PRO A 149 21.85 -3.76 -0.79
N LEU A 150 22.26 -2.50 -0.97
CA LEU A 150 21.28 -1.45 -1.27
C LEU A 150 20.41 -1.84 -2.45
N ALA A 151 20.99 -2.51 -3.45
CA ALA A 151 20.23 -2.96 -4.62
C ALA A 151 19.06 -3.85 -4.21
N LEU A 152 19.20 -4.61 -3.12
CA LEU A 152 18.11 -5.46 -2.68
C LEU A 152 16.96 -4.63 -2.10
N LYS A 153 17.30 -3.56 -1.37
CA LYS A 153 16.26 -2.66 -0.87
C LYS A 153 15.56 -1.95 -2.03
N ILE A 154 16.33 -1.48 -3.01
CA ILE A 154 15.75 -0.82 -4.18
C ILE A 154 14.81 -1.78 -4.91
N PHE A 155 15.24 -3.03 -5.07
CA PHE A 155 14.37 -4.03 -5.71
C PHE A 155 13.07 -4.20 -4.93
N LEU A 156 13.17 -4.42 -3.61
CA LEU A 156 11.96 -4.61 -2.81
C LEU A 156 11.03 -3.40 -2.91
N MET A 157 11.60 -2.19 -2.82
CA MET A 157 10.79 -0.99 -2.90
C MET A 157 10.03 -0.93 -4.22
N ALA A 158 10.74 -1.12 -5.34
CA ALA A 158 10.07 -1.02 -6.64
C ALA A 158 8.99 -2.09 -6.79
N LEU A 159 9.31 -3.32 -6.38
CA LEU A 159 8.34 -4.41 -6.44
C LEU A 159 7.07 -4.05 -5.67
N ALA A 160 7.24 -3.68 -4.40
CA ALA A 160 6.08 -3.36 -3.56
C ALA A 160 5.29 -2.21 -4.13
N ILE A 161 5.96 -1.17 -4.62
CA ILE A 161 5.23 -0.01 -5.13
C ILE A 161 4.46 -0.39 -6.38
N ILE A 162 5.04 -1.22 -7.25
CA ILE A 162 4.31 -1.62 -8.45
C ILE A 162 3.07 -2.43 -8.08
N ASP A 163 3.22 -3.35 -7.12
CA ASP A 163 2.05 -4.15 -6.73
C ASP A 163 0.98 -3.30 -6.03
N ASP A 164 1.40 -2.38 -5.16
CA ASP A 164 0.46 -1.55 -4.43
C ASP A 164 -0.28 -0.59 -5.36
N LEU A 165 0.46 0.11 -6.22
CA LEU A 165 -0.17 0.98 -7.19
C LEU A 165 -1.02 0.19 -8.17
N GLY A 166 -0.56 -0.99 -8.60
CA GLY A 166 -1.36 -1.80 -9.50
C GLY A 166 -2.69 -2.18 -8.90
N ALA A 167 -2.67 -2.62 -7.63
CA ALA A 167 -3.91 -2.93 -6.95
C ALA A 167 -4.81 -1.70 -6.90
N ILE A 168 -4.28 -0.56 -6.44
CA ILE A 168 -5.10 0.64 -6.31
C ILE A 168 -5.69 1.02 -7.67
N ILE A 169 -4.90 0.89 -8.74
CA ILE A 169 -5.36 1.33 -10.06
C ILE A 169 -6.41 0.38 -10.61
N ILE A 170 -6.20 -0.93 -10.48
CA ILE A 170 -7.18 -1.88 -10.98
C ILE A 170 -8.49 -1.73 -10.22
N ILE A 171 -8.41 -1.59 -8.90
CA ILE A 171 -9.63 -1.36 -8.11
C ILE A 171 -10.31 -0.08 -8.54
N ALA A 172 -9.54 0.98 -8.77
CA ALA A 172 -10.12 2.24 -9.22
C ALA A 172 -10.86 2.06 -10.53
N LEU A 173 -10.31 1.27 -11.45
CA LEU A 173 -10.99 1.04 -12.71
C LEU A 173 -12.29 0.27 -12.49
N PHE A 174 -12.28 -0.70 -11.56
CA PHE A 174 -13.53 -1.40 -11.24
C PHE A 174 -14.57 -0.48 -10.61
N TYR A 175 -14.12 0.52 -9.85
CA TYR A 175 -15.02 1.36 -9.06
C TYR A 175 -15.42 2.65 -9.76
N THR A 176 -15.07 2.83 -11.03
CA THR A 176 -15.31 4.11 -11.70
C THR A 176 -16.77 4.53 -11.58
N ASN A 177 -17.70 3.56 -11.66
CA ASN A 177 -19.12 3.89 -11.66
C ASN A 177 -19.56 4.58 -10.38
N ASP A 178 -18.74 4.54 -9.32
CA ASP A 178 -19.12 5.20 -8.08
C ASP A 178 -18.99 6.71 -8.15
N LEU A 179 -18.33 7.25 -9.17
CA LEU A 179 -18.18 8.69 -9.34
C LEU A 179 -19.18 9.21 -10.37
N SER A 180 -19.59 10.45 -10.19
CA SER A 180 -20.56 11.08 -11.09
C SER A 180 -19.85 11.63 -12.33
N MET A 181 -20.67 12.00 -13.32
CA MET A 181 -20.12 12.62 -14.53
C MET A 181 -19.41 13.92 -14.21
N ALA A 182 -20.00 14.74 -13.32
CA ALA A 182 -19.40 16.02 -12.97
C ALA A 182 -18.10 15.82 -12.18
N SER A 183 -18.07 14.82 -11.30
CA SER A 183 -16.85 14.55 -10.55
C SER A 183 -15.70 14.18 -11.48
N LEU A 184 -15.96 13.28 -12.43
CA LEU A 184 -14.93 12.90 -13.38
C LEU A 184 -14.52 14.08 -14.26
N GLY A 185 -15.47 14.94 -14.61
CA GLY A 185 -15.11 16.11 -15.41
C GLY A 185 -14.19 17.07 -14.68
N VAL A 186 -14.54 17.40 -13.43
CA VAL A 186 -13.69 18.29 -12.65
C VAL A 186 -12.32 17.66 -12.42
N ALA A 187 -12.30 16.35 -12.16
CA ALA A 187 -11.02 15.67 -11.95
C ALA A 187 -10.16 15.72 -13.21
N ALA A 188 -10.77 15.50 -14.38
CA ALA A 188 -10.03 15.57 -15.63
C ALA A 188 -9.42 16.95 -15.83
N VAL A 189 -10.21 18.00 -15.58
CA VAL A 189 -9.68 19.36 -15.74
C VAL A 189 -8.53 19.61 -14.78
N ALA A 190 -8.66 19.12 -13.53
CA ALA A 190 -7.59 19.34 -12.56
C ALA A 190 -6.30 18.62 -12.97
N ILE A 191 -6.44 17.38 -13.45
CA ILE A 191 -5.27 16.63 -13.92
C ILE A 191 -4.61 17.36 -15.09
N ALA A 192 -5.44 17.92 -15.99
CA ALA A 192 -4.89 18.67 -17.12
C ALA A 192 -4.13 19.90 -16.65
N VAL A 193 -4.64 20.57 -15.60
CA VAL A 193 -3.92 21.72 -15.06
C VAL A 193 -2.57 21.30 -14.50
N LEU A 194 -2.54 20.17 -13.79
CA LEU A 194 -1.27 19.67 -13.29
C LEU A 194 -0.31 19.39 -14.44
N ALA A 195 -0.82 18.81 -15.53
CA ALA A 195 0.04 18.47 -16.66
C ALA A 195 0.62 19.71 -17.32
N VAL A 196 -0.20 20.74 -17.53
CA VAL A 196 0.33 21.93 -18.19
C VAL A 196 1.26 22.70 -17.25
N LEU A 197 0.95 22.74 -15.96
CA LEU A 197 1.88 23.33 -15.00
C LEU A 197 3.24 22.64 -15.09
N ASN A 198 3.25 21.31 -15.16
CA ASN A 198 4.51 20.58 -15.26
C ASN A 198 5.24 20.90 -16.57
N LEU A 199 4.53 20.79 -17.69
CA LEU A 199 5.19 20.95 -18.99
C LEU A 199 5.66 22.39 -19.22
N CYS A 200 5.00 23.37 -18.63
CA CYS A 200 5.40 24.76 -18.81
C CYS A 200 6.63 25.09 -17.99
N GLY A 201 6.69 24.62 -16.75
CA GLY A 201 7.86 24.83 -15.91
C GLY A 201 7.57 25.44 -14.56
N ALA A 202 6.37 25.18 -14.02
CA ALA A 202 6.04 25.65 -12.69
C ALA A 202 6.73 24.76 -11.65
N ARG A 203 7.41 25.39 -10.69
CA ARG A 203 8.22 24.65 -9.73
C ARG A 203 7.90 24.93 -8.28
N ARG A 204 6.91 25.77 -7.98
CA ARG A 204 6.48 25.99 -6.61
C ARG A 204 5.54 24.87 -6.19
N THR A 205 5.95 24.09 -5.19
CA THR A 205 5.16 22.95 -4.74
C THR A 205 3.75 23.34 -4.35
N GLY A 206 3.58 24.56 -3.81
CA GLY A 206 2.28 24.94 -3.27
C GLY A 206 1.18 24.92 -4.31
N VAL A 207 1.47 25.37 -5.53
CA VAL A 207 0.42 25.42 -6.55
C VAL A 207 -0.06 24.01 -6.88
N TYR A 208 0.88 23.06 -6.97
CA TYR A 208 0.49 21.68 -7.19
C TYR A 208 -0.36 21.16 -6.04
N ILE A 209 0.01 21.50 -4.80
CA ILE A 209 -0.78 21.00 -3.66
C ILE A 209 -2.20 21.56 -3.70
N LEU A 210 -2.35 22.83 -4.06
CA LEU A 210 -3.69 23.43 -4.10
C LEU A 210 -4.55 22.78 -5.18
N VAL A 211 -4.03 22.70 -6.41
CA VAL A 211 -4.77 21.99 -7.45
C VAL A 211 -5.03 20.55 -7.02
N GLY A 212 -4.14 20.00 -6.20
CA GLY A 212 -4.32 18.62 -5.76
C GLY A 212 -5.45 18.46 -4.78
N VAL A 213 -5.65 19.43 -3.89
CA VAL A 213 -6.78 19.31 -2.98
C VAL A 213 -8.08 19.48 -3.77
N VAL A 214 -8.08 20.31 -4.82
CA VAL A 214 -9.27 20.35 -5.67
C VAL A 214 -9.55 18.95 -6.25
N LEU A 215 -8.52 18.34 -6.86
CA LEU A 215 -8.67 17.00 -7.42
C LEU A 215 -9.17 16.01 -6.36
N TRP A 216 -8.62 16.09 -5.15
CA TRP A 216 -8.96 15.15 -4.08
C TRP A 216 -10.41 15.32 -3.65
N THR A 217 -10.87 16.56 -3.50
CA THR A 217 -12.26 16.78 -3.09
C THR A 217 -13.23 16.35 -4.19
N ALA A 218 -12.87 16.56 -5.45
CA ALA A 218 -13.79 16.23 -6.53
C ALA A 218 -14.14 14.74 -6.55
N VAL A 219 -13.17 13.88 -6.23
CA VAL A 219 -13.36 12.45 -6.28
C VAL A 219 -13.48 11.85 -4.87
N LEU A 220 -13.80 12.69 -3.87
CA LEU A 220 -13.74 12.25 -2.49
C LEU A 220 -14.82 11.24 -2.13
N LYS A 221 -15.92 11.18 -2.90
CA LYS A 221 -16.94 10.18 -2.61
C LYS A 221 -16.38 8.76 -2.76
N SER A 222 -15.34 8.60 -3.57
CA SER A 222 -14.73 7.29 -3.84
C SER A 222 -13.35 7.25 -3.18
N GLY A 223 -13.22 6.42 -2.14
CA GLY A 223 -11.97 6.42 -1.38
C GLY A 223 -10.76 6.03 -2.21
N VAL A 224 -10.93 5.05 -3.09
CA VAL A 224 -9.79 4.58 -3.87
C VAL A 224 -9.34 5.65 -4.87
N HIS A 225 -10.30 6.37 -5.46
CA HIS A 225 -9.92 7.47 -6.36
C HIS A 225 -9.28 8.62 -5.61
N ALA A 226 -9.80 8.95 -4.41
CA ALA A 226 -9.17 9.97 -3.60
C ALA A 226 -7.71 9.60 -3.31
N THR A 227 -7.47 8.32 -3.04
CA THR A 227 -6.09 7.85 -2.85
C THR A 227 -5.26 8.04 -4.12
N LEU A 228 -5.82 7.66 -5.27
CA LEU A 228 -5.09 7.79 -6.53
C LEU A 228 -4.76 9.24 -6.86
N ALA A 229 -5.58 10.17 -6.37
CA ALA A 229 -5.31 11.59 -6.60
C ALA A 229 -3.97 12.00 -6.00
N GLY A 230 -3.66 11.49 -4.81
CA GLY A 230 -2.37 11.78 -4.22
C GLY A 230 -1.21 11.31 -5.08
N VAL A 231 -1.35 10.11 -5.67
CA VAL A 231 -0.31 9.61 -6.57
C VAL A 231 -0.15 10.55 -7.76
N ILE A 232 -1.26 10.97 -8.35
CA ILE A 232 -1.18 11.86 -9.52
C ILE A 232 -0.44 13.14 -9.18
N VAL A 233 -0.76 13.73 -8.02
CA VAL A 233 -0.09 14.95 -7.60
C VAL A 233 1.40 14.69 -7.39
N GLY A 234 1.74 13.60 -6.70
CA GLY A 234 3.14 13.27 -6.52
C GLY A 234 3.87 13.05 -7.84
N PHE A 235 3.14 12.60 -8.86
CA PHE A 235 3.76 12.33 -10.15
C PHE A 235 4.09 13.62 -10.90
N PHE A 236 3.21 14.62 -10.80
CA PHE A 236 3.40 15.81 -11.62
C PHE A 236 4.23 16.91 -10.97
N ILE A 237 4.69 16.75 -9.74
CA ILE A 237 5.61 17.71 -9.14
C ILE A 237 6.97 17.52 -9.80
N PRO A 238 7.55 18.55 -10.41
CA PRO A 238 8.76 18.33 -11.22
C PRO A 238 9.93 17.78 -10.41
N LEU A 239 10.70 16.90 -11.05
CA LEU A 239 11.89 16.31 -10.46
C LEU A 239 13.18 16.73 -11.16
N LYS A 240 13.08 17.43 -12.29
CA LYS A 240 14.27 17.92 -12.97
C LYS A 240 15.17 18.68 -12.01
N GLU A 241 16.45 18.33 -11.98
CA GLU A 241 17.43 19.03 -11.15
C GLU A 241 17.83 20.32 -11.85
N LYS A 242 17.20 21.43 -11.45
CA LYS A 242 17.55 22.75 -11.97
C LYS A 242 18.42 23.46 -10.93
N HIS A 243 19.68 23.69 -11.28
CA HIS A 243 20.64 24.35 -10.39
C HIS A 243 20.83 23.57 -9.10
N GLY A 244 20.80 22.24 -9.21
CA GLY A 244 20.96 21.40 -8.03
C GLY A 244 19.77 21.38 -7.11
N ARG A 245 18.59 21.69 -7.62
CA ARG A 245 17.37 21.72 -6.82
C ARG A 245 16.22 21.10 -7.61
N SER A 246 15.26 20.53 -6.90
CA SER A 246 14.04 20.03 -7.52
C SER A 246 12.94 19.96 -6.47
N PRO A 247 11.74 20.46 -6.76
CA PRO A 247 10.69 20.45 -5.72
C PRO A 247 10.28 19.05 -5.28
N ALA A 248 10.38 18.06 -6.17
CA ALA A 248 9.99 16.70 -5.79
C ALA A 248 10.96 16.12 -4.78
N LYS A 249 12.27 16.32 -4.99
CA LYS A 249 13.26 15.80 -4.04
C LYS A 249 13.04 16.39 -2.65
N ARG A 250 12.88 17.73 -2.57
CA ARG A 250 12.71 18.36 -1.27
C ARG A 250 11.39 17.95 -0.63
N LEU A 251 10.32 17.81 -1.43
CA LEU A 251 9.06 17.38 -0.85
C LEU A 251 9.16 15.96 -0.31
N GLU A 252 9.72 15.04 -1.10
CA GLU A 252 9.88 13.66 -0.62
C GLU A 252 10.71 13.63 0.65
N HIS A 253 11.80 14.41 0.69
CA HIS A 253 12.66 14.41 1.86
C HIS A 253 11.94 14.92 3.11
N VAL A 254 11.16 15.99 2.96
CA VAL A 254 10.47 16.55 4.12
C VAL A 254 9.27 15.68 4.52
N LEU A 255 8.62 15.05 3.55
CA LEU A 255 7.40 14.31 3.83
C LEU A 255 7.70 12.94 4.41
N HIS A 256 8.83 12.34 4.05
CA HIS A 256 9.10 10.97 4.47
C HIS A 256 9.06 10.81 5.99
N PRO A 257 9.70 11.67 6.79
CA PRO A 257 9.60 11.49 8.25
C PRO A 257 8.18 11.58 8.76
N TRP A 258 7.38 12.51 8.23
CA TRP A 258 6.01 12.65 8.70
C TRP A 258 5.18 11.41 8.39
N VAL A 259 5.43 10.78 7.23
CA VAL A 259 4.71 9.56 6.87
C VAL A 259 5.19 8.40 7.74
N ALA A 260 6.51 8.25 7.87
CA ALA A 260 7.05 7.11 8.60
C ALA A 260 6.74 7.16 10.09
N TYR A 261 6.67 8.34 10.67
CA TYR A 261 6.55 8.48 12.12
C TYR A 261 5.18 8.93 12.59
N LEU A 262 4.34 9.46 11.69
CA LEU A 262 3.02 9.92 12.12
C LEU A 262 1.89 9.31 11.29
N ILE A 263 1.95 9.45 9.96
CA ILE A 263 0.82 9.04 9.12
C ILE A 263 0.56 7.54 9.25
N LEU A 264 1.56 6.73 8.92
CA LEU A 264 1.37 5.29 8.95
C LEU A 264 1.11 4.76 10.36
N PRO A 265 1.77 5.26 11.41
CA PRO A 265 1.40 4.80 12.76
C PRO A 265 -0.01 5.18 13.16
N LEU A 266 -0.48 6.38 12.78
CA LEU A 266 -1.88 6.72 13.04
C LEU A 266 -2.82 5.78 12.28
N PHE A 267 -2.50 5.49 11.02
CA PHE A 267 -3.31 4.55 10.27
C PHE A 267 -3.38 3.19 10.96
N ALA A 268 -2.21 2.67 11.38
CA ALA A 268 -2.18 1.38 12.06
C ALA A 268 -2.95 1.42 13.37
N PHE A 269 -2.90 2.55 14.08
CA PHE A 269 -3.63 2.65 15.33
C PHE A 269 -5.14 2.66 15.10
N ALA A 270 -5.58 3.26 13.99
CA ALA A 270 -7.01 3.34 13.72
C ALA A 270 -7.55 2.10 13.01
N ASN A 271 -6.67 1.24 12.46
CA ASN A 271 -7.12 0.14 11.62
C ASN A 271 -6.67 -1.24 12.06
N ALA A 272 -5.62 -1.37 12.86
CA ALA A 272 -5.07 -2.69 13.14
C ALA A 272 -5.69 -3.37 14.35
N GLY A 273 -6.53 -2.68 15.12
CA GLY A 273 -7.14 -3.27 16.30
C GLY A 273 -8.38 -4.05 15.97
N VAL A 274 -8.41 -5.31 16.41
CA VAL A 274 -9.55 -6.20 16.19
C VAL A 274 -9.81 -7.01 17.44
N SER A 275 -11.10 -7.20 17.75
CA SER A 275 -11.48 -8.02 18.90
C SER A 275 -11.07 -9.47 18.69
N LEU A 276 -10.58 -10.10 19.76
CA LEU A 276 -10.15 -11.48 19.69
C LEU A 276 -11.16 -12.45 20.31
N GLY A 277 -12.13 -11.95 21.06
CA GLY A 277 -13.16 -12.83 21.60
C GLY A 277 -14.00 -13.44 20.49
N GLY A 278 -14.29 -14.73 20.63
CA GLY A 278 -15.03 -15.46 19.63
C GLY A 278 -14.20 -16.00 18.49
N VAL A 279 -12.95 -15.55 18.34
CA VAL A 279 -12.09 -16.04 17.28
C VAL A 279 -11.65 -17.46 17.60
N THR A 280 -11.67 -18.33 16.59
CA THR A 280 -11.39 -19.75 16.77
C THR A 280 -10.46 -20.25 15.68
N LEU A 281 -9.94 -21.45 15.89
CA LEU A 281 -9.13 -22.12 14.87
C LEU A 281 -9.96 -22.41 13.62
N ASP A 282 -11.20 -22.86 13.81
CA ASP A 282 -12.08 -23.09 12.66
C ASP A 282 -12.44 -21.79 11.97
N GLY A 283 -12.48 -20.68 12.71
CA GLY A 283 -12.73 -19.40 12.07
C GLY A 283 -11.59 -18.96 11.19
N LEU A 284 -10.35 -19.16 11.65
CA LEU A 284 -9.19 -18.77 10.87
C LEU A 284 -9.09 -19.55 9.57
N THR A 285 -9.55 -20.80 9.56
CA THR A 285 -9.51 -21.64 8.38
C THR A 285 -10.74 -21.47 7.49
N SER A 286 -11.51 -20.40 7.69
CA SER A 286 -12.60 -20.03 6.80
C SER A 286 -12.05 -19.45 5.50
N ILE A 287 -12.88 -19.44 4.45
CA ILE A 287 -12.33 -19.17 3.13
C ILE A 287 -11.68 -17.79 3.07
N LEU A 288 -12.26 -16.79 3.75
CA LEU A 288 -11.71 -15.44 3.63
C LEU A 288 -10.33 -15.32 4.29
N PRO A 289 -10.19 -15.60 5.59
CA PRO A 289 -8.85 -15.50 6.19
C PRO A 289 -7.88 -16.51 5.62
N LEU A 290 -8.33 -17.70 5.26
CA LEU A 290 -7.42 -18.69 4.71
C LEU A 290 -6.97 -18.30 3.31
N GLY A 291 -7.86 -17.72 2.51
CA GLY A 291 -7.45 -17.22 1.22
C GLY A 291 -6.40 -16.12 1.34
N ILE A 292 -6.58 -15.23 2.32
CA ILE A 292 -5.58 -14.20 2.56
C ILE A 292 -4.24 -14.82 2.99
N ILE A 293 -4.29 -15.73 3.96
CA ILE A 293 -3.07 -16.32 4.49
C ILE A 293 -2.34 -17.09 3.40
N ALA A 294 -3.06 -17.87 2.60
CA ALA A 294 -2.41 -18.60 1.52
C ALA A 294 -1.82 -17.65 0.50
N GLY A 295 -2.54 -16.57 0.16
CA GLY A 295 -2.00 -15.59 -0.76
C GLY A 295 -0.69 -15.02 -0.27
N MET A 296 -0.60 -14.76 1.03
CA MET A 296 0.60 -14.09 1.55
C MET A 296 1.76 -15.07 1.78
N LEU A 297 1.49 -16.21 2.40
CA LEU A 297 2.56 -17.11 2.80
C LEU A 297 3.04 -17.99 1.65
N ILE A 298 2.16 -18.29 0.70
CA ILE A 298 2.52 -19.06 -0.48
C ILE A 298 2.53 -18.18 -1.72
N GLY A 299 1.42 -17.47 -1.96
CA GLY A 299 1.28 -16.72 -3.20
C GLY A 299 2.41 -15.75 -3.46
N LYS A 300 2.74 -14.92 -2.48
CA LYS A 300 3.77 -13.90 -2.71
C LYS A 300 5.13 -14.52 -3.03
N PRO A 301 5.72 -15.33 -2.15
CA PRO A 301 7.04 -15.91 -2.46
C PRO A 301 7.02 -16.79 -3.71
N LEU A 302 5.96 -17.58 -3.90
CA LEU A 302 5.91 -18.45 -5.07
C LEU A 302 5.83 -17.65 -6.36
N GLY A 303 4.93 -16.68 -6.42
CA GLY A 303 4.82 -15.86 -7.61
C GLY A 303 6.09 -15.10 -7.92
N ILE A 304 6.62 -14.40 -6.92
CA ILE A 304 7.81 -13.59 -7.15
C ILE A 304 8.98 -14.48 -7.58
N SER A 305 9.27 -15.53 -6.81
CA SER A 305 10.40 -16.39 -7.13
C SER A 305 10.22 -17.05 -8.50
N LEU A 306 9.03 -17.59 -8.78
CA LEU A 306 8.83 -18.30 -10.04
C LEU A 306 8.99 -17.36 -11.23
N PHE A 307 8.33 -16.20 -11.20
CA PHE A 307 8.43 -15.29 -12.33
C PHE A 307 9.86 -14.77 -12.49
N CYS A 308 10.58 -14.54 -11.38
CA CYS A 308 11.98 -14.12 -11.49
C CYS A 308 12.84 -15.22 -12.09
N TRP A 309 12.67 -16.45 -11.61
CA TRP A 309 13.43 -17.58 -12.15
C TRP A 309 13.20 -17.71 -13.64
N LEU A 310 11.95 -17.64 -14.08
CA LEU A 310 11.67 -17.70 -15.51
C LEU A 310 12.32 -16.53 -16.25
N ALA A 311 12.23 -15.32 -15.69
CA ALA A 311 12.85 -14.17 -16.33
C ALA A 311 14.34 -14.40 -16.55
N LEU A 312 15.01 -15.03 -15.58
CA LEU A 312 16.44 -15.25 -15.70
C LEU A 312 16.75 -16.41 -16.64
N ARG A 313 15.93 -17.46 -16.63
CA ARG A 313 16.26 -18.65 -17.40
C ARG A 313 16.10 -18.42 -18.89
N LEU A 314 15.04 -17.70 -19.30
CA LEU A 314 14.85 -17.37 -20.71
C LEU A 314 15.35 -15.98 -21.06
N LYS A 315 16.17 -15.40 -20.20
CA LYS A 315 16.95 -14.20 -20.52
C LYS A 315 16.06 -13.00 -20.84
N LEU A 316 14.94 -12.89 -20.14
CA LEU A 316 14.11 -11.71 -20.27
C LEU A 316 14.57 -10.57 -19.37
N ALA A 317 15.30 -10.87 -18.30
CA ALA A 317 15.75 -9.86 -17.36
C ALA A 317 17.07 -10.30 -16.73
N HIS A 318 17.69 -9.36 -16.02
CA HIS A 318 18.95 -9.59 -15.31
C HIS A 318 18.78 -9.33 -13.82
N LEU A 319 19.44 -10.14 -13.00
CA LEU A 319 19.51 -9.82 -11.58
C LEU A 319 20.07 -8.43 -11.38
N PRO A 320 19.54 -7.64 -10.45
CA PRO A 320 20.19 -6.35 -10.13
C PRO A 320 21.60 -6.60 -9.63
N GLU A 321 22.56 -5.83 -10.14
CA GLU A 321 23.94 -5.97 -9.70
C GLU A 321 24.01 -5.84 -8.18
N GLY A 322 24.79 -6.74 -7.57
CA GLY A 322 24.94 -6.76 -6.14
C GLY A 322 24.00 -7.69 -5.40
N THR A 323 23.04 -8.28 -6.09
CA THR A 323 22.12 -9.23 -5.49
C THR A 323 22.33 -10.62 -6.06
N THR A 324 21.84 -11.62 -5.33
CA THR A 324 21.81 -13.01 -5.77
C THR A 324 20.35 -13.45 -5.88
N TYR A 325 20.13 -14.59 -6.54
CA TYR A 325 18.77 -15.10 -6.66
C TYR A 325 18.20 -15.53 -5.32
N GLN A 326 19.05 -16.08 -4.44
CA GLN A 326 18.61 -16.44 -3.09
C GLN A 326 18.06 -15.22 -2.34
N GLN A 327 18.77 -14.10 -2.43
CA GLN A 327 18.29 -12.87 -1.79
C GLN A 327 16.94 -12.45 -2.37
N ILE A 328 16.76 -12.59 -3.69
CA ILE A 328 15.48 -12.25 -4.31
C ILE A 328 14.38 -13.13 -3.73
N MET A 329 14.66 -14.41 -3.52
CA MET A 329 13.64 -15.29 -2.94
C MET A 329 13.26 -14.84 -1.54
N VAL A 330 14.24 -14.44 -0.74
CA VAL A 330 13.89 -13.93 0.59
C VAL A 330 12.99 -12.70 0.46
N VAL A 331 13.34 -11.78 -0.45
CA VAL A 331 12.49 -10.62 -0.67
C VAL A 331 11.08 -11.06 -1.05
N GLY A 332 10.98 -12.15 -1.81
CA GLY A 332 9.67 -12.68 -2.14
C GLY A 332 8.88 -13.06 -0.91
N ILE A 333 9.57 -13.60 0.10
CA ILE A 333 8.88 -13.88 1.36
C ILE A 333 8.47 -12.57 2.03
N LEU A 334 9.39 -11.61 2.09
CA LEU A 334 9.11 -10.36 2.79
C LEU A 334 7.94 -9.62 2.18
N CYS A 335 7.74 -9.75 0.87
CA CYS A 335 6.63 -9.08 0.20
C CYS A 335 5.28 -9.64 0.63
N GLY A 336 5.26 -10.76 1.35
CA GLY A 336 4.03 -11.24 1.96
C GLY A 336 3.58 -10.47 3.17
N ILE A 337 4.41 -9.56 3.67
CA ILE A 337 4.02 -8.70 4.79
C ILE A 337 3.11 -7.62 4.23
N GLY A 338 1.82 -7.92 4.11
CA GLY A 338 0.89 -6.95 3.56
C GLY A 338 0.40 -5.94 4.57
N PHE A 339 0.28 -6.34 5.84
CA PHE A 339 -0.11 -5.50 6.98
C PHE A 339 -0.94 -4.28 6.59
N THR A 340 -0.39 -3.06 6.70
CA THR A 340 -1.26 -1.88 6.63
C THR A 340 -1.80 -1.65 5.23
N MET A 341 -1.00 -1.91 4.20
CA MET A 341 -1.51 -1.79 2.84
C MET A 341 -2.63 -2.80 2.59
N SER A 342 -2.45 -4.03 3.07
CA SER A 342 -3.49 -5.04 2.92
C SER A 342 -4.75 -4.63 3.67
N ILE A 343 -4.60 -4.09 4.88
CA ILE A 343 -5.76 -3.65 5.63
C ILE A 343 -6.49 -2.54 4.87
N PHE A 344 -5.74 -1.64 4.24
CA PHE A 344 -6.37 -0.59 3.45
C PHE A 344 -7.14 -1.18 2.27
N ILE A 345 -6.51 -2.09 1.52
CA ILE A 345 -7.21 -2.74 0.42
C ILE A 345 -8.49 -3.41 0.93
N ALA A 346 -8.40 -4.05 2.09
CA ALA A 346 -9.56 -4.73 2.66
C ALA A 346 -10.66 -3.75 3.01
N SER A 347 -10.31 -2.57 3.52
CA SER A 347 -11.33 -1.57 3.81
C SER A 347 -11.98 -1.09 2.53
N LEU A 348 -11.21 -0.97 1.46
CA LEU A 348 -11.79 -0.59 0.18
C LEU A 348 -12.79 -1.63 -0.29
N ALA A 349 -12.49 -2.92 -0.07
CA ALA A 349 -13.36 -3.97 -0.57
C ALA A 349 -14.58 -4.19 0.32
N PHE A 350 -14.40 -4.22 1.64
CA PHE A 350 -15.45 -4.61 2.57
C PHE A 350 -15.91 -3.48 3.48
N GLY A 351 -15.22 -2.34 3.49
CA GLY A 351 -15.51 -1.30 4.47
C GLY A 351 -16.99 -0.94 4.55
N SER A 352 -17.66 -0.88 3.41
CA SER A 352 -19.08 -0.52 3.34
C SER A 352 -19.96 -1.74 3.15
N VAL A 353 -19.70 -2.82 3.88
CA VAL A 353 -20.47 -4.05 3.70
C VAL A 353 -20.88 -4.62 5.05
N ASP A 354 -19.90 -4.96 5.91
CA ASP A 354 -20.22 -5.66 7.14
C ASP A 354 -19.01 -5.75 8.06
N PRO A 355 -19.15 -5.40 9.34
CA PRO A 355 -17.97 -5.42 10.23
C PRO A 355 -17.36 -6.80 10.42
N GLU A 356 -18.16 -7.86 10.36
CA GLU A 356 -17.62 -9.21 10.52
C GLU A 356 -16.60 -9.51 9.41
N LEU A 357 -16.91 -9.09 8.18
CA LEU A 357 -16.01 -9.35 7.06
C LEU A 357 -14.67 -8.65 7.25
N ILE A 358 -14.70 -7.35 7.53
CA ILE A 358 -13.45 -6.60 7.65
C ILE A 358 -12.62 -7.13 8.81
N ASN A 359 -13.28 -7.49 9.92
CA ASN A 359 -12.52 -7.97 11.08
C ASN A 359 -11.88 -9.33 10.78
N TRP A 360 -12.57 -10.23 10.09
CA TRP A 360 -11.93 -11.50 9.75
C TRP A 360 -10.85 -11.31 8.69
N ALA A 361 -11.05 -10.38 7.76
CA ALA A 361 -9.99 -10.04 6.81
C ALA A 361 -8.75 -9.56 7.56
N LYS A 362 -8.95 -8.67 8.54
CA LYS A 362 -7.83 -8.15 9.32
C LYS A 362 -7.12 -9.27 10.08
N LEU A 363 -7.88 -10.18 10.68
CA LEU A 363 -7.24 -11.29 11.39
C LEU A 363 -6.37 -12.11 10.42
N GLY A 364 -6.92 -12.42 9.25
CA GLY A 364 -6.11 -13.11 8.25
C GLY A 364 -4.86 -12.35 7.88
N ILE A 365 -5.00 -11.03 7.69
CA ILE A 365 -3.85 -10.20 7.34
C ILE A 365 -2.81 -10.25 8.43
N LEU A 366 -3.24 -10.26 9.68
CA LEU A 366 -2.29 -10.25 10.80
C LEU A 366 -1.52 -11.56 10.85
N VAL A 367 -2.22 -12.68 10.72
CA VAL A 367 -1.54 -13.97 10.73
C VAL A 367 -0.55 -14.05 9.58
N GLY A 368 -1.00 -13.71 8.37
CA GLY A 368 -0.12 -13.80 7.22
C GLY A 368 1.05 -12.84 7.29
N SER A 369 0.83 -11.64 7.81
CA SER A 369 1.88 -10.64 7.89
C SER A 369 2.92 -11.01 8.93
N ILE A 370 2.48 -11.34 10.14
CA ILE A 370 3.43 -11.72 11.18
C ILE A 370 4.21 -12.95 10.76
N SER A 371 3.54 -13.95 10.17
CA SER A 371 4.23 -15.15 9.74
C SER A 371 5.25 -14.84 8.64
N SER A 372 4.87 -13.99 7.68
CA SER A 372 5.81 -13.60 6.65
C SER A 372 7.00 -12.88 7.26
N ALA A 373 6.78 -12.01 8.24
CA ALA A 373 7.88 -11.27 8.85
C ALA A 373 8.85 -12.24 9.52
N VAL A 374 8.33 -13.18 10.30
CA VAL A 374 9.19 -14.09 11.05
C VAL A 374 9.97 -15.00 10.10
N ILE A 375 9.29 -15.59 9.12
CA ILE A 375 9.96 -16.49 8.20
C ILE A 375 10.96 -15.73 7.34
N GLY A 376 10.58 -14.54 6.87
CA GLY A 376 11.49 -13.75 6.05
C GLY A 376 12.72 -13.33 6.81
N TYR A 377 12.56 -12.93 8.08
CA TYR A 377 13.72 -12.55 8.87
C TYR A 377 14.63 -13.75 9.13
N SER A 378 14.05 -14.92 9.38
CA SER A 378 14.86 -16.11 9.56
C SER A 378 15.71 -16.39 8.31
N TRP A 379 15.06 -16.45 7.15
CA TRP A 379 15.81 -16.70 5.93
C TRP A 379 16.82 -15.58 5.65
N LEU A 380 16.48 -14.35 6.03
CA LEU A 380 17.39 -13.23 5.84
C LEU A 380 18.66 -13.42 6.66
N ARG A 381 18.51 -13.91 7.89
CA ARG A 381 19.69 -14.20 8.69
C ARG A 381 20.52 -15.32 8.06
N VAL A 382 19.86 -16.29 7.43
CA VAL A 382 20.64 -17.38 6.83
C VAL A 382 21.40 -16.88 5.60
N ARG A 383 20.76 -16.08 4.74
CA ARG A 383 21.38 -15.73 3.48
C ARG A 383 22.38 -14.58 3.61
N LEU A 384 22.13 -13.64 4.51
CA LEU A 384 23.03 -12.50 4.66
C LEU A 384 24.02 -12.72 5.80
#